data_8Z54
#
_entry.id   8Z54
#
_cell.length_a   45.202
_cell.length_b   72.612
_cell.length_c   162.407
_cell.angle_alpha   90.00
_cell.angle_beta   90.00
_cell.angle_gamma   90.00
#
_symmetry.space_group_name_H-M   'C 2 2 21'
#
loop_
_entity.id
_entity.type
_entity.pdbx_description
1 polymer 'NAD-dependent protein deacylase sirtuin-5, mitochondrial'
2 polymer 'Peroxiredoxin-1 fragment'
3 non-polymer 'ZINC ION'
4 non-polymer 'DIMETHYL SULFOXIDE'
5 water water
#
loop_
_entity_poly.entity_id
_entity_poly.type
_entity_poly.pdbx_seq_one_letter_code
_entity_poly.pdbx_strand_id
1 'polypeptide(L)'
;MHHHHHHPSSSMADFRKFFAKAKHIVIISGAGVSAESGVPTFRGAGGYWRKWQAQDLATPLAFAHNPSRVWEFYHYRREV
MGSKEPNAGHRAIAECETRLGKQGRRVVVITQNIDELHRKAGTKNLLEIHGSLFKTRCTSCGVVAENYKSPICPALSGKG
APEPGTQDASIPVEKLPRCEEAGCGGLLRPHVVWFGENLDPAILEEVDRELAHCDLCLVVGTSSVVYPAAMFAPQVAARG
VPVAEFNTETTPATNRFRFHFQGPCGTTLPEALA
;
A
2 'polypeptide(L)' SKEYFS(SLL)QK B
#
loop_
_chem_comp.id
_chem_comp.type
_chem_comp.name
_chem_comp.formula
DMS non-polymer 'DIMETHYL SULFOXIDE' 'C2 H6 O S'
ZN non-polymer 'ZINC ION' 'Zn 2'
#
# COMPACT_ATOMS: atom_id res chain seq x y z
N PRO A 8 -2.36 -23.70 9.83
CA PRO A 8 -2.99 -23.87 8.50
C PRO A 8 -2.26 -24.88 7.63
N SER A 9 -2.90 -25.28 6.54
CA SER A 9 -2.28 -26.26 5.65
C SER A 9 -1.14 -25.62 4.86
N SER A 10 -0.20 -26.46 4.43
CA SER A 10 0.94 -26.03 3.65
C SER A 10 0.88 -26.54 2.20
N SER A 11 -0.27 -27.07 1.79
CA SER A 11 -0.37 -27.83 0.55
C SER A 11 -0.65 -26.89 -0.61
N MET A 12 0.38 -26.63 -1.40
CA MET A 12 0.17 -25.85 -2.62
C MET A 12 -0.81 -26.57 -3.54
N ALA A 13 -0.81 -27.91 -3.52
CA ALA A 13 -1.67 -28.64 -4.43
C ALA A 13 -3.15 -28.41 -4.16
N ASP A 14 -3.54 -28.33 -2.88
CA ASP A 14 -4.94 -28.07 -2.49
C ASP A 14 -5.33 -26.63 -2.78
N PHE A 15 -4.43 -25.68 -2.54
CA PHE A 15 -4.73 -24.30 -2.93
C PHE A 15 -5.03 -24.21 -4.43
N ARG A 16 -4.30 -24.96 -5.26
CA ARG A 16 -4.47 -24.77 -6.69
C ARG A 16 -5.82 -25.28 -7.16
N LYS A 17 -6.37 -26.27 -6.45
CA LYS A 17 -7.70 -26.78 -6.74
C LYS A 17 -8.78 -25.72 -6.52
N PHE A 18 -8.70 -24.93 -5.44
CA PHE A 18 -9.63 -23.81 -5.28
C PHE A 18 -9.41 -22.74 -6.35
N PHE A 19 -8.15 -22.43 -6.64
CA PHE A 19 -7.85 -21.38 -7.63
C PHE A 19 -8.42 -21.71 -9.00
N ALA A 20 -8.38 -22.99 -9.40
CA ALA A 20 -8.85 -23.41 -10.71
C ALA A 20 -10.30 -23.01 -10.94
N LYS A 21 -11.12 -22.98 -9.88
CA LYS A 21 -12.55 -22.76 -10.00
C LYS A 21 -13.00 -21.40 -9.51
N ALA A 22 -12.09 -20.61 -8.94
CA ALA A 22 -12.49 -19.34 -8.34
C ALA A 22 -12.84 -18.35 -9.45
N LYS A 23 -13.97 -17.65 -9.27
CA LYS A 23 -14.41 -16.65 -10.25
C LYS A 23 -14.12 -15.23 -9.81
N HIS A 24 -13.86 -15.01 -8.53
CA HIS A 24 -13.72 -13.64 -8.03
C HIS A 24 -12.70 -13.70 -6.88
N ILE A 25 -11.47 -13.33 -7.17
CA ILE A 25 -10.34 -13.46 -6.26
C ILE A 25 -10.00 -12.08 -5.73
N VAL A 26 -9.94 -11.95 -4.40
CA VAL A 26 -9.43 -10.75 -3.73
C VAL A 26 -8.00 -11.06 -3.29
N ILE A 27 -7.08 -10.14 -3.62
CA ILE A 27 -5.70 -10.24 -3.18
C ILE A 27 -5.39 -9.02 -2.33
N ILE A 28 -5.09 -9.24 -1.05
CA ILE A 28 -4.76 -8.18 -0.11
C ILE A 28 -3.25 -8.14 0.01
N SER A 29 -2.60 -7.02 -0.35
CA SER A 29 -1.14 -6.96 -0.35
C SER A 29 -0.63 -5.96 0.68
N GLY A 30 0.46 -6.33 1.36
CA GLY A 30 1.09 -5.48 2.37
C GLY A 30 2.54 -5.15 2.09
N ALA A 31 3.26 -4.64 3.10
CA ALA A 31 4.55 -4.02 2.88
C ALA A 31 5.57 -5.03 2.39
N GLY A 32 5.33 -6.31 2.63
CA GLY A 32 6.27 -7.33 2.19
C GLY A 32 6.44 -7.32 0.69
N VAL A 33 5.33 -7.15 -0.05
CA VAL A 33 5.39 -7.02 -1.50
C VAL A 33 6.29 -5.85 -1.88
N SER A 34 6.17 -4.72 -1.16
CA SER A 34 6.98 -3.55 -1.52
C SER A 34 8.45 -3.73 -1.13
N ALA A 35 8.71 -4.30 0.05
CA ALA A 35 10.10 -4.49 0.48
C ALA A 35 10.86 -5.37 -0.49
N GLU A 36 10.19 -6.34 -1.11
CA GLU A 36 10.81 -7.23 -2.09
C GLU A 36 11.19 -6.50 -3.37
N SER A 37 10.75 -5.26 -3.55
CA SER A 37 11.27 -4.39 -4.59
C SER A 37 12.33 -3.41 -4.09
N GLY A 38 12.70 -3.51 -2.80
CA GLY A 38 13.64 -2.59 -2.22
C GLY A 38 13.08 -1.23 -1.92
N VAL A 39 11.76 -1.12 -1.77
CA VAL A 39 11.12 0.16 -1.48
C VAL A 39 11.27 0.38 0.01
N PRO A 40 11.90 1.47 0.47
CA PRO A 40 12.04 1.67 1.92
C PRO A 40 10.70 2.11 2.51
N THR A 41 10.25 1.41 3.54
CA THR A 41 8.98 1.77 4.16
C THR A 41 9.13 2.32 5.55
N PHE A 42 10.34 2.22 6.12
CA PHE A 42 10.67 2.88 7.39
C PHE A 42 9.78 2.40 8.52
N ARG A 43 9.41 1.12 8.47
CA ARG A 43 8.60 0.52 9.51
C ARG A 43 9.35 -0.50 10.35
N GLY A 44 10.29 -1.24 9.76
CA GLY A 44 10.96 -2.28 10.50
C GLY A 44 11.94 -1.73 11.50
N ALA A 45 12.20 -2.51 12.54
CA ALA A 45 13.31 -2.20 13.45
C ALA A 45 14.54 -1.85 12.62
N GLY A 46 15.16 -0.71 12.94
CA GLY A 46 16.34 -0.27 12.23
C GLY A 46 16.11 0.57 10.99
N GLY A 47 14.90 0.62 10.44
CA GLY A 47 14.65 1.36 9.22
C GLY A 47 14.26 2.81 9.43
N TYR A 48 15.23 3.72 9.32
CA TYR A 48 15.03 5.11 9.69
C TYR A 48 15.34 6.05 8.51
N TRP A 49 14.66 7.20 8.51
CA TRP A 49 14.99 8.33 7.62
C TRP A 49 15.49 9.43 8.55
N ARG A 50 16.78 9.79 8.42
CA ARG A 50 17.47 10.64 9.40
C ARG A 50 17.22 10.03 10.77
N LYS A 51 16.55 10.72 11.67
CA LYS A 51 16.39 10.20 13.02
C LYS A 51 14.99 9.65 13.28
N TRP A 52 14.21 9.43 12.22
CA TRP A 52 12.80 9.10 12.36
C TRP A 52 12.43 7.85 11.56
N GLN A 53 11.28 7.29 11.93
CA GLN A 53 10.63 6.23 11.16
C GLN A 53 9.26 6.69 10.72
N ALA A 54 8.57 5.83 9.95
CA ALA A 54 7.23 6.18 9.52
C ALA A 54 6.27 6.37 10.71
N GLN A 55 6.45 5.59 11.78
CA GLN A 55 5.61 5.75 12.96
C GLN A 55 5.70 7.15 13.54
N ASP A 56 6.77 7.88 13.22
CA ASP A 56 6.95 9.25 13.69
C ASP A 56 6.39 10.24 12.66
N LEU A 57 6.76 10.06 11.40
CA LEU A 57 6.50 11.09 10.40
C LEU A 57 5.21 10.92 9.61
N ALA A 58 4.71 9.69 9.48
CA ALA A 58 3.44 9.47 8.80
C ALA A 58 2.32 9.63 9.81
N THR A 59 2.29 10.82 10.41
CA THR A 59 1.32 11.08 11.47
C THR A 59 0.75 12.48 11.36
N PRO A 60 -0.51 12.68 11.79
CA PRO A 60 -1.03 14.05 11.90
C PRO A 60 -0.16 14.95 12.77
N LEU A 61 0.40 14.42 13.86
CA LEU A 61 1.28 15.22 14.71
C LEU A 61 2.45 15.78 13.89
N ALA A 62 3.12 14.92 13.13
CA ALA A 62 4.30 15.39 12.42
C ALA A 62 3.94 16.50 11.43
N PHE A 63 2.78 16.37 10.75
CA PHE A 63 2.41 17.37 9.76
C PHE A 63 1.99 18.69 10.40
N ALA A 64 1.31 18.62 11.57
CA ALA A 64 0.92 19.86 12.25
C ALA A 64 2.12 20.55 12.88
N HIS A 65 3.11 19.77 13.27
CA HIS A 65 4.30 20.31 13.90
C HIS A 65 5.32 20.86 12.90
N ASN A 66 5.62 20.10 11.84
CA ASN A 66 6.69 20.46 10.91
C ASN A 66 6.31 19.90 9.55
N PRO A 67 5.39 20.58 8.85
CA PRO A 67 5.02 20.11 7.51
C PRO A 67 6.16 20.07 6.53
N SER A 68 7.16 20.95 6.66
CA SER A 68 8.33 20.86 5.78
C SER A 68 9.05 19.52 5.92
N ARG A 69 9.28 19.07 7.17
CA ARG A 69 9.95 17.79 7.38
C ARG A 69 9.13 16.63 6.81
N VAL A 70 7.81 16.67 6.98
CA VAL A 70 6.97 15.60 6.42
C VAL A 70 7.10 15.60 4.90
N TRP A 71 7.06 16.79 4.28
CA TRP A 71 7.20 16.89 2.83
C TRP A 71 8.59 16.45 2.38
N GLU A 72 9.65 16.78 3.13
CA GLU A 72 10.97 16.28 2.75
C GLU A 72 11.01 14.76 2.74
N PHE A 73 10.42 14.12 3.77
CA PHE A 73 10.32 12.65 3.83
C PHE A 73 9.55 12.07 2.65
N TYR A 74 8.36 12.61 2.35
CA TYR A 74 7.58 12.08 1.23
C TYR A 74 8.22 12.40 -0.10
N HIS A 75 8.90 13.55 -0.20
CA HIS A 75 9.63 13.85 -1.42
C HIS A 75 10.72 12.82 -1.68
N TYR A 76 11.51 12.52 -0.65
CA TYR A 76 12.52 11.48 -0.76
C TYR A 76 11.87 10.20 -1.28
N ARG A 77 10.75 9.83 -0.68
CA ARG A 77 10.11 8.56 -1.04
C ARG A 77 9.62 8.58 -2.48
N ARG A 78 9.06 9.70 -2.94
CA ARG A 78 8.68 9.84 -4.33
C ARG A 78 9.88 9.71 -5.26
N GLU A 79 10.97 10.40 -4.94
CA GLU A 79 12.14 10.39 -5.81
C GLU A 79 12.75 9.00 -5.92
N VAL A 80 12.79 8.24 -4.80
CA VAL A 80 13.43 6.94 -4.87
C VAL A 80 12.65 5.98 -5.75
N MET A 81 11.33 6.19 -5.90
CA MET A 81 10.54 5.30 -6.74
C MET A 81 11.03 5.22 -8.18
N GLY A 82 11.77 6.24 -8.66
CA GLY A 82 12.31 6.16 -10.01
C GLY A 82 13.25 4.98 -10.20
N SER A 83 13.92 4.54 -9.14
CA SER A 83 14.87 3.45 -9.17
C SER A 83 14.27 2.10 -8.77
N LYS A 84 12.98 2.03 -8.48
CA LYS A 84 12.36 0.82 -7.98
C LYS A 84 11.44 0.22 -9.04
N GLU A 85 11.46 -1.11 -9.16
CA GLU A 85 10.65 -1.77 -10.15
C GLU A 85 9.75 -2.80 -9.48
N PRO A 86 8.61 -3.12 -10.09
CA PRO A 86 7.79 -4.25 -9.63
C PRO A 86 8.59 -5.53 -9.56
N ASN A 87 8.25 -6.38 -8.63
CA ASN A 87 8.94 -7.66 -8.49
C ASN A 87 8.07 -8.79 -9.03
N ALA A 88 8.59 -10.02 -8.92
CA ALA A 88 7.86 -11.18 -9.43
C ALA A 88 6.46 -11.28 -8.87
N GLY A 89 6.24 -10.89 -7.60
CA GLY A 89 4.90 -10.96 -7.06
C GLY A 89 3.95 -9.98 -7.74
N HIS A 90 4.40 -8.72 -7.94
CA HIS A 90 3.56 -7.76 -8.67
C HIS A 90 3.25 -8.27 -10.05
N ARG A 91 4.25 -8.86 -10.71
CA ARG A 91 4.06 -9.27 -12.10
C ARG A 91 3.12 -10.45 -12.21
N ALA A 92 3.28 -11.43 -11.30
CA ALA A 92 2.36 -12.57 -11.30
C ALA A 92 0.94 -12.10 -11.00
N ILE A 93 0.79 -11.11 -10.11
CA ILE A 93 -0.54 -10.64 -9.77
C ILE A 93 -1.15 -9.91 -10.97
N ALA A 94 -0.38 -9.07 -11.64
CA ALA A 94 -0.92 -8.37 -12.79
C ALA A 94 -1.26 -9.34 -13.94
N GLU A 95 -0.38 -10.31 -14.22
CA GLU A 95 -0.65 -11.25 -15.31
C GLU A 95 -1.87 -12.09 -14.99
N CYS A 96 -2.02 -12.49 -13.72
CA CYS A 96 -3.19 -13.26 -13.32
C CYS A 96 -4.47 -12.49 -13.64
N GLU A 97 -4.54 -11.21 -13.23
CA GLU A 97 -5.74 -10.43 -13.50
C GLU A 97 -6.04 -10.36 -14.99
N THR A 98 -5.01 -10.15 -15.82
CA THR A 98 -5.24 -10.05 -17.25
C THR A 98 -5.77 -11.36 -17.81
N ARG A 99 -5.09 -12.48 -17.48
CA ARG A 99 -5.47 -13.79 -17.99
C ARG A 99 -6.87 -14.18 -17.55
N LEU A 100 -7.16 -14.04 -16.26
CA LEU A 100 -8.48 -14.39 -15.78
C LEU A 100 -9.55 -13.47 -16.32
N GLY A 101 -9.24 -12.19 -16.54
CA GLY A 101 -10.25 -11.28 -17.03
C GLY A 101 -10.76 -11.69 -18.41
N LYS A 102 -9.89 -12.28 -19.23
CA LYS A 102 -10.32 -12.80 -20.53
C LYS A 102 -11.32 -13.94 -20.38
N GLN A 103 -11.23 -14.70 -19.30
CA GLN A 103 -12.14 -15.81 -19.01
C GLN A 103 -13.40 -15.37 -18.28
N GLY A 104 -13.58 -14.08 -18.00
CA GLY A 104 -14.76 -13.68 -17.26
C GLY A 104 -14.59 -13.86 -15.77
N ARG A 105 -13.35 -13.86 -15.29
CA ARG A 105 -13.07 -14.03 -13.87
C ARG A 105 -12.39 -12.78 -13.36
N ARG A 106 -12.77 -12.37 -12.15
CA ARG A 106 -12.34 -11.10 -11.59
C ARG A 106 -11.20 -11.29 -10.61
N VAL A 107 -10.19 -10.44 -10.69
CA VAL A 107 -9.14 -10.35 -9.69
C VAL A 107 -9.06 -8.90 -9.28
N VAL A 108 -9.11 -8.65 -7.98
CA VAL A 108 -8.97 -7.31 -7.43
C VAL A 108 -7.86 -7.34 -6.39
N VAL A 109 -7.06 -6.31 -6.44
CA VAL A 109 -5.97 -6.10 -5.49
C VAL A 109 -6.40 -5.00 -4.55
N ILE A 110 -6.37 -5.29 -3.27
CA ILE A 110 -6.60 -4.30 -2.20
C ILE A 110 -5.26 -4.14 -1.51
N THR A 111 -4.61 -2.98 -1.72
CA THR A 111 -3.24 -2.85 -1.20
C THR A 111 -3.14 -1.80 -0.10
N GLN A 112 -2.33 -2.14 0.88
CA GLN A 112 -2.01 -1.16 1.89
C GLN A 112 -0.78 -0.37 1.52
N ASN A 113 -0.15 -0.68 0.40
CA ASN A 113 1.07 -0.01 -0.05
C ASN A 113 0.73 1.25 -0.81
N ILE A 114 1.64 2.22 -0.75
CA ILE A 114 1.40 3.55 -1.32
C ILE A 114 2.31 3.85 -2.49
N ASP A 115 3.09 2.86 -2.96
CA ASP A 115 4.15 3.11 -3.93
C ASP A 115 3.72 2.92 -5.38
N GLU A 116 2.49 2.48 -5.63
CA GLU A 116 1.91 2.27 -6.96
C GLU A 116 2.59 1.21 -7.81
N LEU A 117 3.46 0.39 -7.22
CA LEU A 117 4.11 -0.65 -8.02
C LEU A 117 3.10 -1.62 -8.60
N HIS A 118 1.97 -1.88 -7.93
CA HIS A 118 0.96 -2.73 -8.58
C HIS A 118 0.48 -2.11 -9.89
N ARG A 119 0.21 -0.80 -9.90
CA ARG A 119 -0.20 -0.13 -11.14
C ARG A 119 0.91 -0.18 -12.16
N LYS A 120 2.16 0.03 -11.72
CA LYS A 120 3.28 0.00 -12.65
C LYS A 120 3.41 -1.35 -13.34
N ALA A 121 3.12 -2.45 -12.62
CA ALA A 121 3.14 -3.79 -13.19
C ALA A 121 1.94 -4.08 -14.08
N GLY A 122 0.91 -3.26 -14.06
CA GLY A 122 -0.21 -3.46 -14.95
C GLY A 122 -1.51 -3.85 -14.30
N THR A 123 -1.58 -3.88 -12.98
CA THR A 123 -2.85 -4.12 -12.34
C THR A 123 -3.81 -2.98 -12.62
N LYS A 124 -5.02 -3.32 -13.05
CA LYS A 124 -6.07 -2.36 -13.30
C LYS A 124 -7.08 -2.28 -12.17
N ASN A 125 -7.41 -3.40 -11.55
CA ASN A 125 -8.42 -3.40 -10.49
C ASN A 125 -7.68 -3.27 -9.16
N LEU A 126 -7.46 -2.03 -8.73
CA LEU A 126 -6.60 -1.74 -7.58
C LEU A 126 -7.31 -0.79 -6.64
N LEU A 127 -7.44 -1.18 -5.36
CA LEU A 127 -7.96 -0.30 -4.31
C LEU A 127 -6.78 0.00 -3.39
N GLU A 128 -6.37 1.26 -3.36
CA GLU A 128 -5.23 1.72 -2.53
C GLU A 128 -5.78 2.31 -1.24
N ILE A 129 -5.88 1.45 -0.21
CA ILE A 129 -6.59 1.81 1.01
C ILE A 129 -5.85 2.83 1.88
N HIS A 130 -4.55 3.01 1.67
CA HIS A 130 -3.80 4.02 2.42
C HIS A 130 -3.36 5.16 1.51
N GLY A 131 -3.93 5.30 0.31
CA GLY A 131 -3.56 6.40 -0.59
C GLY A 131 -2.30 6.08 -1.37
N SER A 132 -1.61 7.14 -1.78
CA SER A 132 -0.52 7.05 -2.73
C SER A 132 0.50 8.18 -2.51
N LEU A 133 1.79 7.83 -2.61
CA LEU A 133 2.88 8.83 -2.68
C LEU A 133 2.68 9.78 -3.83
N PHE A 134 1.89 9.42 -4.87
CA PHE A 134 1.74 10.22 -6.06
C PHE A 134 0.36 10.87 -6.13
N LYS A 135 -0.25 11.16 -4.97
CA LYS A 135 -1.44 11.97 -4.92
C LYS A 135 -1.25 12.99 -3.80
N THR A 136 -1.87 14.14 -4.00
CA THR A 136 -1.89 15.20 -2.99
C THR A 136 -3.33 15.42 -2.53
N ARG A 137 -3.46 15.92 -1.28
CA ARG A 137 -4.77 16.31 -0.78
C ARG A 137 -4.66 17.73 -0.20
N CYS A 138 -5.58 18.60 -0.57
CA CYS A 138 -5.59 19.96 -0.06
C CYS A 138 -6.17 20.01 1.37
N THR A 139 -5.40 20.61 2.28
CA THR A 139 -5.84 20.72 3.68
C THR A 139 -6.88 21.82 3.89
N SER A 140 -7.19 22.61 2.86
CA SER A 140 -8.27 23.61 2.90
C SER A 140 -9.54 23.07 2.24
N CYS A 141 -9.47 22.75 0.94
CA CYS A 141 -10.65 22.37 0.19
C CYS A 141 -10.86 20.86 0.07
N GLY A 142 -9.86 20.04 0.45
CA GLY A 142 -10.00 18.59 0.41
C GLY A 142 -9.86 17.94 -0.95
N VAL A 143 -9.59 18.70 -2.02
CA VAL A 143 -9.48 18.11 -3.36
C VAL A 143 -8.26 17.20 -3.42
N VAL A 144 -8.44 16.04 -4.05
CA VAL A 144 -7.37 15.07 -4.25
C VAL A 144 -6.92 15.18 -5.70
N ALA A 145 -5.61 15.12 -5.94
CA ALA A 145 -5.06 15.23 -7.30
C ALA A 145 -3.87 14.30 -7.46
N GLU A 146 -3.72 13.76 -8.67
CA GLU A 146 -2.51 13.02 -9.00
C GLU A 146 -1.36 13.99 -9.17
N ASN A 147 -0.17 13.57 -8.73
CA ASN A 147 0.98 14.44 -8.87
C ASN A 147 2.24 13.59 -8.96
N TYR A 148 2.91 13.65 -10.10
CA TYR A 148 4.12 12.87 -10.34
C TYR A 148 5.35 13.73 -10.59
N LYS A 149 5.25 15.04 -10.38
CA LYS A 149 6.32 15.97 -10.73
C LYS A 149 7.56 15.81 -9.84
N SER A 150 8.73 15.73 -10.45
CA SER A 150 10.01 15.66 -9.76
C SER A 150 10.74 16.96 -10.02
N PRO A 151 10.86 17.87 -9.04
CA PRO A 151 10.35 17.77 -7.66
C PRO A 151 8.94 18.35 -7.58
N ILE A 152 8.18 17.99 -6.53
CA ILE A 152 6.78 18.41 -6.48
C ILE A 152 6.66 19.93 -6.41
N CYS A 153 7.59 20.61 -5.74
CA CYS A 153 7.66 22.06 -5.80
C CYS A 153 9.12 22.49 -5.81
N PRO A 154 9.41 23.70 -6.30
CA PRO A 154 10.82 24.02 -6.50
C PRO A 154 11.65 24.00 -5.24
N ALA A 155 11.07 24.37 -4.11
CA ALA A 155 11.83 24.41 -2.87
C ALA A 155 12.31 23.03 -2.44
N LEU A 156 11.65 21.96 -2.89
CA LEU A 156 12.08 20.61 -2.57
C LEU A 156 13.18 20.09 -3.48
N SER A 157 13.61 20.88 -4.49
CA SER A 157 14.63 20.39 -5.39
C SER A 157 15.89 20.00 -4.64
N GLY A 158 16.33 18.75 -4.80
CA GLY A 158 17.53 18.31 -4.11
C GLY A 158 17.37 18.07 -2.62
N LYS A 159 16.16 18.17 -2.08
CA LYS A 159 15.98 17.98 -0.65
C LYS A 159 15.63 16.54 -0.37
N GLY A 160 15.48 16.22 0.91
CA GLY A 160 15.03 14.90 1.31
C GLY A 160 16.09 13.87 1.61
N ALA A 161 17.38 14.22 1.58
CA ALA A 161 18.41 13.20 1.79
C ALA A 161 18.20 12.50 3.14
N PRO A 162 18.43 11.18 3.19
CA PRO A 162 18.10 10.38 4.38
C PRO A 162 19.21 10.27 5.41
N GLU A 163 20.45 10.63 5.08
CA GLU A 163 21.57 10.42 5.99
C GLU A 163 21.33 11.15 7.30
N PRO A 164 21.59 10.51 8.46
CA PRO A 164 21.58 11.24 9.72
C PRO A 164 22.51 12.42 9.64
N GLY A 165 22.12 13.48 10.31
CA GLY A 165 22.91 14.69 10.29
C GLY A 165 22.56 15.62 9.17
N THR A 166 21.65 15.24 8.27
CA THR A 166 21.21 16.15 7.25
C THR A 166 20.30 17.20 7.89
N GLN A 167 20.50 18.47 7.53
CA GLN A 167 19.72 19.54 8.13
C GLN A 167 18.28 19.56 7.60
N ASP A 168 17.36 20.02 8.47
CA ASP A 168 15.98 20.26 8.03
C ASP A 168 15.94 21.37 6.99
N ALA A 169 15.15 21.16 5.93
CA ALA A 169 14.99 22.17 4.90
C ALA A 169 14.22 23.40 5.40
N SER A 170 13.35 23.23 6.38
CA SER A 170 12.62 24.36 6.99
C SER A 170 12.03 25.29 5.94
N ILE A 171 11.34 24.68 5.00
CA ILE A 171 10.72 25.42 3.90
C ILE A 171 9.51 26.14 4.46
N PRO A 172 9.39 27.45 4.29
CA PRO A 172 8.17 28.13 4.72
C PRO A 172 6.97 27.52 4.02
N VAL A 173 5.85 27.52 4.74
CA VAL A 173 4.68 26.80 4.24
C VAL A 173 4.26 27.29 2.87
N GLU A 174 4.41 28.58 2.57
CA GLU A 174 3.98 29.09 1.26
C GLU A 174 4.82 28.53 0.12
N LYS A 175 6.02 28.00 0.41
CA LYS A 175 6.86 27.40 -0.61
C LYS A 175 6.75 25.88 -0.65
N LEU A 176 5.96 25.29 0.25
CA LEU A 176 5.57 23.88 0.15
C LEU A 176 4.50 23.74 -0.93
N PRO A 177 4.11 22.52 -1.30
CA PRO A 177 3.13 22.38 -2.40
C PRO A 177 1.80 23.02 -2.06
N ARG A 178 1.28 23.83 -2.98
CA ARG A 178 0.04 24.55 -2.77
C ARG A 178 -1.04 24.15 -3.79
N CYS A 179 -2.30 24.26 -3.36
CA CYS A 179 -3.46 23.83 -4.16
C CYS A 179 -3.63 24.76 -5.35
N GLU A 180 -3.81 24.17 -6.53
CA GLU A 180 -3.95 24.98 -7.73
C GLU A 180 -5.40 25.16 -8.16
N GLU A 181 -6.33 24.67 -7.35
CA GLU A 181 -7.74 24.96 -7.58
C GLU A 181 -7.96 26.46 -7.54
N ALA A 182 -8.59 26.98 -8.60
CA ALA A 182 -8.90 28.39 -8.70
C ALA A 182 -9.48 28.89 -7.40
N GLY A 183 -8.76 29.80 -6.74
CA GLY A 183 -9.26 30.45 -5.56
C GLY A 183 -8.95 29.76 -4.26
N CYS A 184 -8.15 28.70 -4.26
CA CYS A 184 -7.79 28.04 -3.00
C CYS A 184 -6.36 28.35 -2.57
N GLY A 185 -5.38 27.70 -3.20
CA GLY A 185 -4.01 27.87 -2.78
C GLY A 185 -3.68 27.39 -1.37
N GLY A 186 -4.52 26.49 -0.80
CA GLY A 186 -4.23 25.91 0.50
C GLY A 186 -3.01 25.02 0.49
N LEU A 187 -2.55 24.65 1.67
CA LEU A 187 -1.39 23.79 1.79
C LEU A 187 -1.76 22.36 1.42
N LEU A 188 -1.01 21.75 0.51
CA LEU A 188 -1.23 20.34 0.22
C LEU A 188 -0.48 19.47 1.21
N ARG A 189 -1.04 18.26 1.43
CA ARG A 189 -0.37 17.19 2.15
C ARG A 189 -0.33 15.99 1.22
N PRO A 190 0.53 15.01 1.47
CA PRO A 190 0.43 13.75 0.72
C PRO A 190 -0.95 13.17 0.99
N HIS A 191 -1.58 12.62 -0.08
CA HIS A 191 -2.82 11.88 0.07
C HIS A 191 -2.50 10.43 0.48
N VAL A 192 -2.00 10.31 1.72
CA VAL A 192 -1.56 9.07 2.34
C VAL A 192 -2.29 9.01 3.68
N VAL A 193 -2.91 7.86 4.01
CA VAL A 193 -3.54 7.70 5.32
C VAL A 193 -2.43 7.56 6.37
N TRP A 194 -2.44 8.43 7.35
CA TRP A 194 -1.43 8.37 8.40
C TRP A 194 -1.95 7.61 9.61
N PHE A 195 -1.01 7.22 10.46
CA PHE A 195 -1.38 6.47 11.65
C PHE A 195 -2.32 7.29 12.50
N GLY A 196 -3.39 6.64 12.94
CA GLY A 196 -4.43 7.32 13.68
C GLY A 196 -5.53 7.95 12.86
N GLU A 197 -5.39 8.02 11.52
CA GLU A 197 -6.44 8.64 10.73
C GLU A 197 -7.43 7.59 10.23
N ASN A 198 -8.63 8.05 9.85
CA ASN A 198 -9.65 7.15 9.33
C ASN A 198 -9.42 6.92 7.86
N LEU A 199 -9.66 5.69 7.42
CA LEU A 199 -9.63 5.44 5.98
C LEU A 199 -10.89 6.04 5.36
N ASP A 200 -10.84 6.22 4.04
CA ASP A 200 -11.91 6.85 3.29
C ASP A 200 -13.12 5.92 3.28
N PRO A 201 -14.28 6.36 3.76
CA PRO A 201 -15.45 5.46 3.76
C PRO A 201 -15.86 4.99 2.37
N ALA A 202 -15.68 5.78 1.33
CA ALA A 202 -16.02 5.32 -0.01
C ALA A 202 -15.15 4.15 -0.42
N ILE A 203 -13.85 4.23 -0.13
CA ILE A 203 -12.96 3.11 -0.42
C ILE A 203 -13.35 1.89 0.41
N LEU A 204 -13.69 2.12 1.69
CA LEU A 204 -14.08 0.98 2.51
C LEU A 204 -15.36 0.33 1.99
N GLU A 205 -16.28 1.13 1.45
CA GLU A 205 -17.48 0.58 0.83
C GLU A 205 -17.11 -0.32 -0.35
N GLU A 206 -16.17 0.14 -1.18
CA GLU A 206 -15.76 -0.66 -2.32
C GLU A 206 -15.07 -1.95 -1.85
N VAL A 207 -14.19 -1.83 -0.86
CA VAL A 207 -13.58 -3.01 -0.25
C VAL A 207 -14.65 -3.98 0.22
N ASP A 208 -15.63 -3.48 0.97
CA ASP A 208 -16.65 -4.38 1.54
C ASP A 208 -17.41 -5.12 0.43
N ARG A 209 -17.66 -4.43 -0.70
CA ARG A 209 -18.33 -5.08 -1.84
C ARG A 209 -17.52 -6.25 -2.36
N GLU A 210 -16.22 -6.05 -2.56
CA GLU A 210 -15.37 -7.13 -3.05
C GLU A 210 -15.28 -8.26 -2.03
N LEU A 211 -15.15 -7.92 -0.76
CA LEU A 211 -15.05 -8.99 0.24
C LEU A 211 -16.33 -9.80 0.32
N ALA A 212 -17.49 -9.16 0.09
CA ALA A 212 -18.76 -9.86 0.21
C ALA A 212 -19.03 -10.80 -0.96
N HIS A 213 -18.38 -10.56 -2.11
CA HIS A 213 -18.67 -11.30 -3.33
C HIS A 213 -17.58 -12.27 -3.73
N CYS A 214 -16.36 -12.12 -3.21
CA CYS A 214 -15.28 -12.98 -3.63
C CYS A 214 -15.53 -14.43 -3.24
N ASP A 215 -14.87 -15.31 -3.96
CA ASP A 215 -14.94 -16.74 -3.67
C ASP A 215 -13.57 -17.33 -3.36
N LEU A 216 -12.55 -16.48 -3.27
CA LEU A 216 -11.20 -16.89 -2.87
C LEU A 216 -10.45 -15.64 -2.47
N CYS A 217 -9.66 -15.71 -1.38
CA CYS A 217 -8.94 -14.53 -0.91
C CYS A 217 -7.50 -14.88 -0.58
N LEU A 218 -6.55 -14.07 -1.05
CA LEU A 218 -5.14 -14.24 -0.73
C LEU A 218 -4.70 -13.02 0.10
N VAL A 219 -3.90 -13.22 1.15
CA VAL A 219 -3.28 -12.17 1.93
C VAL A 219 -1.76 -12.29 1.82
N VAL A 220 -1.10 -11.31 1.22
CA VAL A 220 0.27 -11.48 0.75
C VAL A 220 1.15 -10.39 1.32
N GLY A 221 2.27 -10.77 1.94
CA GLY A 221 3.28 -9.80 2.33
C GLY A 221 2.93 -8.85 3.47
N THR A 222 2.00 -9.20 4.31
CA THR A 222 1.61 -8.27 5.36
C THR A 222 1.76 -8.88 6.74
N SER A 223 2.09 -8.03 7.70
CA SER A 223 2.25 -8.49 9.07
C SER A 223 0.92 -8.66 9.80
N SER A 224 -0.18 -8.16 9.24
CA SER A 224 -1.49 -8.27 9.88
C SER A 224 -1.52 -7.63 11.28
N VAL A 225 -0.78 -6.53 11.41
CA VAL A 225 -0.79 -5.74 12.65
C VAL A 225 -1.39 -4.35 12.48
N VAL A 226 -1.60 -3.89 11.25
CA VAL A 226 -2.19 -2.58 10.98
C VAL A 226 -3.65 -2.75 10.62
N TYR A 227 -4.49 -2.04 11.31
CA TYR A 227 -5.93 -2.11 11.22
C TYR A 227 -6.41 -0.88 10.50
N PRO A 228 -7.60 -0.91 9.91
CA PRO A 228 -8.55 -2.03 9.82
C PRO A 228 -8.15 -3.12 8.82
N ALA A 229 -7.07 -2.88 8.06
CA ALA A 229 -6.66 -3.81 7.00
C ALA A 229 -6.49 -5.25 7.52
N ALA A 230 -5.86 -5.40 8.67
CA ALA A 230 -5.68 -6.74 9.18
C ALA A 230 -7.00 -7.44 9.44
N MET A 231 -8.16 -6.74 9.43
CA MET A 231 -9.42 -7.45 9.66
C MET A 231 -10.08 -8.01 8.37
N PHE A 232 -9.81 -7.44 7.19
CA PHE A 232 -10.51 -7.84 5.96
C PHE A 232 -10.55 -9.34 5.73
N ALA A 233 -9.36 -9.94 5.56
CA ALA A 233 -9.29 -11.36 5.25
C ALA A 233 -9.88 -12.21 6.35
N PRO A 234 -9.74 -11.89 7.62
CA PRO A 234 -10.61 -12.52 8.62
C PRO A 234 -12.12 -12.50 8.34
N GLN A 235 -12.73 -11.45 7.77
CA GLN A 235 -14.20 -11.58 7.62
C GLN A 235 -14.64 -12.36 6.35
N VAL A 236 -13.76 -12.54 5.38
CA VAL A 236 -14.09 -13.36 4.20
C VAL A 236 -14.24 -14.80 4.64
N ALA A 237 -13.37 -15.21 5.53
CA ALA A 237 -13.42 -16.57 6.02
C ALA A 237 -14.76 -16.94 6.65
N ALA A 238 -15.58 -15.96 7.08
CA ALA A 238 -16.85 -16.19 7.77
C ALA A 238 -17.95 -16.72 6.87
N ARG A 239 -18.00 -16.27 5.62
CA ARG A 239 -18.92 -16.81 4.64
C ARG A 239 -18.48 -18.16 4.12
N GLY A 240 -17.41 -18.75 4.66
CA GLY A 240 -16.88 -20.01 4.15
C GLY A 240 -15.79 -19.92 3.09
N VAL A 241 -15.36 -18.72 2.70
CA VAL A 241 -14.41 -18.54 1.61
C VAL A 241 -12.99 -18.87 2.06
N PRO A 242 -12.21 -19.63 1.29
CA PRO A 242 -10.81 -19.92 1.69
C PRO A 242 -9.94 -18.67 1.64
N VAL A 243 -9.07 -18.51 2.64
CA VAL A 243 -8.07 -17.46 2.71
C VAL A 243 -6.68 -18.11 2.74
N ALA A 244 -5.78 -17.69 1.84
CA ALA A 244 -4.38 -18.12 1.86
C ALA A 244 -3.38 -16.99 2.13
N GLU A 245 -2.49 -17.19 3.11
CA GLU A 245 -1.48 -16.25 3.57
C GLU A 245 -0.14 -16.66 2.96
N PHE A 246 0.51 -15.70 2.29
CA PHE A 246 1.85 -15.83 1.71
C PHE A 246 2.69 -14.76 2.41
N ASN A 247 3.53 -15.17 3.37
CA ASN A 247 4.34 -14.21 4.11
C ASN A 247 5.60 -14.91 4.59
N THR A 248 6.60 -14.11 4.98
CA THR A 248 7.90 -14.65 5.39
C THR A 248 7.87 -15.26 6.77
N GLU A 249 6.87 -14.91 7.58
CA GLU A 249 6.73 -15.48 8.89
C GLU A 249 5.25 -15.52 9.22
N THR A 250 4.90 -16.40 10.18
CA THR A 250 3.58 -16.37 10.78
C THR A 250 3.28 -14.99 11.36
N THR A 251 2.00 -14.66 11.44
CA THR A 251 1.53 -13.38 11.95
C THR A 251 0.51 -13.68 13.03
N PRO A 252 0.05 -12.65 13.77
CA PRO A 252 -1.03 -12.91 14.74
C PRO A 252 -2.29 -13.49 14.12
N ALA A 253 -2.49 -13.30 12.81
CA ALA A 253 -3.68 -13.76 12.10
C ALA A 253 -3.51 -15.08 11.35
N THR A 254 -2.32 -15.69 11.38
CA THR A 254 -2.04 -16.91 10.62
C THR A 254 -3.05 -18.02 10.91
N ASN A 255 -3.36 -18.25 12.18
CA ASN A 255 -4.20 -19.41 12.47
C ASN A 255 -5.65 -19.21 12.08
N ARG A 256 -6.00 -18.06 11.51
CA ARG A 256 -7.35 -17.78 11.04
C ARG A 256 -7.56 -18.14 9.57
N PHE A 257 -6.56 -18.74 8.91
CA PHE A 257 -6.56 -18.92 7.47
C PHE A 257 -6.53 -20.40 7.09
N ARG A 258 -7.00 -20.71 5.88
CA ARG A 258 -6.95 -22.07 5.38
C ARG A 258 -5.51 -22.49 5.06
N PHE A 259 -4.74 -21.59 4.45
CA PHE A 259 -3.40 -21.95 4.01
C PHE A 259 -2.37 -20.94 4.52
N HIS A 260 -1.15 -21.40 4.72
CA HIS A 260 0.00 -20.52 5.00
C HIS A 260 1.22 -21.01 4.22
N PHE A 261 1.75 -20.14 3.36
CA PHE A 261 2.89 -20.47 2.53
C PHE A 261 4.05 -19.55 2.91
N GLN A 262 5.05 -20.11 3.59
CA GLN A 262 6.18 -19.34 4.08
C GLN A 262 7.14 -19.04 2.94
N GLY A 263 7.67 -17.82 2.94
CA GLY A 263 8.65 -17.47 1.95
C GLY A 263 8.46 -16.07 1.48
N PRO A 264 9.45 -15.53 0.78
CA PRO A 264 9.24 -14.25 0.10
C PRO A 264 8.03 -14.35 -0.82
N CYS A 265 7.28 -13.25 -0.89
CA CYS A 265 6.12 -13.18 -1.77
C CYS A 265 6.49 -13.49 -3.20
N GLY A 266 7.58 -12.87 -3.69
CA GLY A 266 8.02 -13.05 -5.05
C GLY A 266 8.42 -14.46 -5.38
N THR A 267 8.55 -15.33 -4.38
CA THR A 267 8.90 -16.73 -4.61
C THR A 267 7.68 -17.64 -4.68
N THR A 268 6.71 -17.44 -3.79
CA THR A 268 5.57 -18.34 -3.72
C THR A 268 4.40 -17.93 -4.59
N LEU A 269 4.16 -16.63 -4.79
CA LEU A 269 2.99 -16.22 -5.57
C LEU A 269 2.98 -16.71 -7.01
N PRO A 270 4.09 -16.64 -7.76
CA PRO A 270 4.00 -17.04 -9.17
C PRO A 270 3.46 -18.44 -9.34
N GLU A 271 3.86 -19.37 -8.47
CA GLU A 271 3.33 -20.72 -8.52
C GLU A 271 1.83 -20.75 -8.21
N ALA A 272 1.40 -19.98 -7.20
CA ALA A 272 -0.01 -20.03 -6.77
C ALA A 272 -0.97 -19.51 -7.83
N LEU A 273 -0.57 -18.48 -8.60
CA LEU A 273 -1.44 -17.77 -9.53
C LEU A 273 -1.29 -18.20 -10.99
N ALA A 274 -0.54 -19.25 -11.25
CA ALA A 274 -0.17 -19.62 -12.63
C ALA A 274 -1.34 -20.25 -13.39
N PHE B 5 -13.31 3.17 10.95
CA PHE B 5 -12.10 2.61 11.54
C PHE B 5 -10.80 3.28 11.05
N SER B 6 -9.90 3.39 12.03
CA SER B 6 -8.70 4.19 11.88
C SER B 6 -7.49 3.29 11.67
C SLL B 7 -4.42 2.94 12.04
N SLL B 7 -6.47 3.88 11.07
O SLL B 7 -4.01 3.90 12.70
CA SLL B 7 -5.27 3.16 10.78
CB SLL B 7 -4.47 3.93 9.74
CD SLL B 7 -2.48 4.00 8.22
CE SLL B 7 -1.24 3.28 7.77
CG SLL B 7 -3.19 3.25 9.36
CK SLL B 7 1.23 4.45 5.16
CL SLL B 7 2.28 5.24 5.92
CP SLL B 7 3.39 5.56 4.97
CX SLL B 7 0.58 3.50 6.16
OX SLL B 7 1.03 2.35 6.34
NZ SLL B 7 -0.53 4.15 6.78
OP1 SLL B 7 4.01 4.66 4.38
OP2 SLL B 7 3.68 6.73 4.73
N GLN B 8 -4.10 1.67 12.28
CA GLN B 8 -3.24 1.24 13.41
C GLN B 8 -1.82 1.47 12.95
ZN ZN C . -7.53 23.49 -2.21
S DMS D . 0.29 -8.28 -17.70
O DMS D . -1.20 -8.07 -17.67
C1 DMS D . 1.10 -9.72 -18.44
C2 DMS D . 1.41 -6.99 -17.13
S DMS E . 7.71 14.97 14.72
O DMS E . 8.23 15.92 13.64
C1 DMS E . 7.96 13.19 14.65
C2 DMS E . 6.83 15.53 16.19
#